data_3RWG
#
_entry.id   3RWG
#
_cell.length_a   68.018
_cell.length_b   44.419
_cell.length_c   79.517
_cell.angle_alpha   90.00
_cell.angle_beta   96.33
_cell.angle_gamma   90.00
#
_symmetry.space_group_name_H-M   'P 1 2 1'
#
loop_
_entity.id
_entity.type
_entity.pdbx_description
1 polymer 'Major histocompatibility complex class I'
2 polymer Beta-2-microglobulin
3 polymer 'Nef MW9 peptide from Protein Nef'
4 non-polymer 3,6,9,12,15,18,21,24,27-NONAOXANONACOSANE-1,29-DIOL
5 non-polymer 'SODIUM ION'
6 non-polymer DI(HYDROXYETHYL)ETHER
7 water water
#
loop_
_entity_poly.entity_id
_entity_poly.type
_entity_poly.pdbx_seq_one_letter_code
_entity_poly.pdbx_strand_id
1 'polypeptide(L)'
;GSHSMKYFYTSVSRPGRGEPRFISVGYVDDTQFVRFDSDAESPREEPRAPWVEQEGPEYWEEATRRAKEAAQTHRENLRT
ALRYYNQSEAGSHTIQKMYGCDLGPDGRLLRGYHQSAYDGKDYIALNGDLRSWTAADMAAQNTQRKWEGNRYAERFRAYL
EGECLEWLRRYLENGKETLQRADPPKTHVTHHPVSDHEATLRCWALGFYPAEITLTWQRDGEEQTQDTEFVETRPGGDGT
FQKWGAVVVPSGEEQRYTCHVQHEGLPEPLTLRWEP
;
A
2 'polypeptide(L)'
;MIQRTPKIQVYSRHPPENGKPNFLNCYVSGFHPSDIEVDLLKNGEKMGKVEHSDLSFSKDWSFYLLYYTEFTPNEKDEYA
CRVNHVTLSGPRTVKWDRDM
;
B
3 'polypeptide(L)' MHPAQTSQW C
#
loop_
_chem_comp.id
_chem_comp.type
_chem_comp.name
_chem_comp.formula
NA non-polymer 'SODIUM ION' 'Na 1'
PEG non-polymer DI(HYDROXYETHYL)ETHER 'C4 H10 O3'
XPE non-polymer 3,6,9,12,15,18,21,24,27-NONAOXANONACOSANE-1,29-DIOL 'C20 H42 O11'
#
# COMPACT_ATOMS: atom_id res chain seq x y z
N GLY A 1 11.90 15.95 4.33
CA GLY A 1 11.38 14.69 4.93
C GLY A 1 12.48 13.67 5.13
N SER A 2 12.08 12.47 5.57
CA SER A 2 13.01 11.35 5.78
C SER A 2 12.71 10.32 4.69
N HIS A 3 13.72 10.00 3.88
CA HIS A 3 13.48 9.29 2.62
C HIS A 3 13.81 7.80 2.61
N SER A 4 13.18 7.12 1.65
CA SER A 4 13.07 5.69 1.68
C SER A 4 12.91 5.17 0.28
N MET A 5 13.63 4.09 -0.06
CA MET A 5 13.30 3.28 -1.23
C MET A 5 12.88 1.89 -0.71
N LYS A 6 11.81 1.32 -1.27
CA LYS A 6 11.27 0.01 -0.89
C LYS A 6 10.70 -0.70 -2.10
N TYR A 7 11.01 -1.98 -2.26
CA TYR A 7 10.34 -2.84 -3.26
C TYR A 7 9.45 -3.84 -2.54
N PHE A 8 8.34 -4.18 -3.17
CA PHE A 8 7.36 -5.12 -2.66
C PHE A 8 7.15 -6.13 -3.76
N TYR A 9 7.51 -7.39 -3.49
CA TYR A 9 7.30 -8.48 -4.44
C TYR A 9 6.20 -9.41 -3.94
N THR A 10 5.38 -9.88 -4.87
CA THR A 10 4.40 -10.89 -4.61
C THR A 10 4.55 -11.93 -5.73
N SER A 11 4.71 -13.19 -5.35
CA SER A 11 4.64 -14.31 -6.29
C SER A 11 3.50 -15.19 -5.85
N VAL A 12 2.72 -15.66 -6.83
CA VAL A 12 1.56 -16.51 -6.52
C VAL A 12 1.57 -17.67 -7.48
N SER A 13 1.68 -18.89 -6.93
CA SER A 13 1.68 -20.07 -7.80
C SER A 13 0.25 -20.35 -8.28
N ARG A 14 0.12 -20.99 -9.41
CA ARG A 14 -1.17 -21.21 -10.04
C ARG A 14 -1.10 -22.47 -10.91
N PRO A 15 -0.97 -23.65 -10.28
CA PRO A 15 -0.82 -24.86 -11.07
C PRO A 15 -2.03 -25.09 -11.98
N GLY A 16 -1.75 -25.58 -13.18
CA GLY A 16 -2.79 -25.69 -14.21
C GLY A 16 -2.86 -24.44 -15.08
N ARG A 17 -2.11 -23.40 -14.72
CA ARG A 17 -2.12 -22.15 -15.50
C ARG A 17 -0.71 -21.61 -15.81
N GLY A 18 0.32 -22.46 -15.75
CA GLY A 18 1.69 -22.07 -16.04
C GLY A 18 2.48 -21.62 -14.81
N GLU A 19 3.58 -20.89 -15.05
CA GLU A 19 4.48 -20.45 -13.98
C GLU A 19 3.82 -19.47 -13.03
N PRO A 20 4.32 -19.37 -11.79
CA PRO A 20 3.81 -18.37 -10.86
C PRO A 20 3.85 -16.97 -11.45
N ARG A 21 2.81 -16.18 -11.17
CA ARG A 21 2.81 -14.77 -11.50
C ARG A 21 3.72 -14.05 -10.50
N PHE A 22 4.58 -13.19 -11.01
CA PHE A 22 5.45 -12.33 -10.19
C PHE A 22 5.12 -10.87 -10.48
N ILE A 23 4.88 -10.13 -9.41
CA ILE A 23 4.64 -8.69 -9.46
C ILE A 23 5.61 -7.98 -8.51
N SER A 24 6.36 -7.02 -9.06
CA SER A 24 7.21 -6.16 -8.23
C SER A 24 6.77 -4.72 -8.42
N VAL A 25 6.69 -3.99 -7.30
CA VAL A 25 6.43 -2.56 -7.32
C VAL A 25 7.51 -1.84 -6.52
N GLY A 26 8.04 -0.74 -7.08
CA GLY A 26 9.06 0.05 -6.40
C GLY A 26 8.54 1.41 -5.97
N TYR A 27 8.97 1.86 -4.79
CA TYR A 27 8.53 3.11 -4.20
C TYR A 27 9.70 3.97 -3.73
N VAL A 28 9.63 5.27 -4.02
CA VAL A 28 10.39 6.26 -3.24
C VAL A 28 9.38 6.90 -2.31
N ASP A 29 9.59 6.73 -1.01
CA ASP A 29 8.61 7.14 0.00
C ASP A 29 7.25 6.52 -0.31
N ASP A 30 6.24 7.35 -0.54
CA ASP A 30 4.89 6.87 -0.82
C ASP A 30 4.54 7.00 -2.29
N THR A 31 5.57 7.19 -3.12
CA THR A 31 5.41 7.33 -4.55
C THR A 31 5.95 6.11 -5.29
N GLN A 32 5.03 5.36 -5.91
CA GLN A 32 5.41 4.22 -6.74
C GLN A 32 6.07 4.76 -7.99
N PHE A 33 7.22 4.23 -8.38
CA PHE A 33 7.94 4.75 -9.53
C PHE A 33 8.21 3.71 -10.61
N VAL A 34 8.11 2.43 -10.24
CA VAL A 34 8.31 1.31 -11.17
C VAL A 34 7.44 0.14 -10.82
N ARG A 35 7.32 -0.75 -11.79
CA ARG A 35 6.57 -1.98 -11.68
C ARG A 35 7.14 -2.99 -12.66
N PHE A 36 7.13 -4.26 -12.24
CA PHE A 36 7.33 -5.42 -13.11
C PHE A 36 6.21 -6.43 -12.87
N ASP A 37 5.57 -6.86 -13.96
CA ASP A 37 4.52 -7.86 -13.84
C ASP A 37 4.72 -8.93 -14.89
N SER A 38 4.95 -10.17 -14.45
CA SER A 38 5.22 -11.26 -15.38
C SER A 38 4.04 -11.54 -16.33
N ASP A 39 2.88 -10.96 -16.01
CA ASP A 39 1.67 -11.08 -16.84
C ASP A 39 1.36 -9.83 -17.68
N ALA A 40 2.22 -8.80 -17.62
CA ALA A 40 2.15 -7.66 -18.55
C ALA A 40 2.34 -8.17 -19.97
N GLU A 41 1.97 -7.36 -20.97
CA GLU A 41 2.01 -7.87 -22.36
C GLU A 41 3.43 -8.08 -22.92
N SER A 42 4.36 -7.23 -22.50
CA SER A 42 5.80 -7.45 -22.79
C SER A 42 6.62 -7.32 -21.50
N PRO A 43 6.62 -8.35 -20.64
CA PRO A 43 7.20 -8.18 -19.28
C PRO A 43 8.60 -7.54 -19.29
N ARG A 44 8.65 -6.36 -18.70
CA ARG A 44 9.88 -5.61 -18.54
C ARG A 44 9.59 -4.68 -17.36
N GLU A 45 10.64 -4.10 -16.79
CA GLU A 45 10.49 -3.03 -15.80
C GLU A 45 9.93 -1.81 -16.49
N GLU A 46 8.79 -1.33 -16.02
CA GLU A 46 8.07 -0.24 -16.63
C GLU A 46 8.11 0.94 -15.69
N PRO A 47 8.24 2.17 -16.23
CA PRO A 47 8.14 3.37 -15.41
C PRO A 47 6.71 3.61 -14.93
N ARG A 48 6.58 4.17 -13.74
CA ARG A 48 5.26 4.52 -13.21
C ARG A 48 5.23 5.92 -12.64
N ALA A 49 6.35 6.61 -12.73
CA ALA A 49 6.45 8.03 -12.43
C ALA A 49 7.21 8.66 -13.59
N PRO A 50 6.76 9.84 -14.07
CA PRO A 50 7.36 10.48 -15.25
C PRO A 50 8.88 10.64 -15.16
N TRP A 51 9.40 11.03 -14.00
CA TRP A 51 10.82 11.34 -13.88
C TRP A 51 11.77 10.17 -14.14
N VAL A 52 11.37 8.95 -13.78
CA VAL A 52 12.23 7.79 -13.98
C VAL A 52 12.20 7.36 -15.45
N GLU A 53 11.15 7.77 -16.14
CA GLU A 53 10.95 7.43 -17.54
C GLU A 53 12.13 7.88 -18.41
N GLN A 54 12.89 8.86 -17.94
CA GLN A 54 14.03 9.43 -18.65
C GLN A 54 15.36 8.68 -18.44
N GLU A 55 15.38 7.67 -17.57
CA GLU A 55 16.51 6.75 -17.50
C GLU A 55 16.69 6.05 -18.85
N GLY A 56 17.94 5.93 -19.28
CA GLY A 56 18.27 5.31 -20.56
C GLY A 56 18.12 3.81 -20.59
N PRO A 57 18.25 3.21 -21.80
CA PRO A 57 18.04 1.78 -22.04
C PRO A 57 18.78 0.82 -21.12
N GLU A 58 19.98 1.20 -20.65
CA GLU A 58 20.73 0.41 -19.66
C GLU A 58 19.93 0.15 -18.41
N TYR A 59 19.25 1.21 -17.94
CA TYR A 59 18.46 1.13 -16.71
C TYR A 59 17.38 0.08 -16.87
N TRP A 60 16.64 0.17 -17.98
CA TRP A 60 15.53 -0.75 -18.23
C TRP A 60 15.97 -2.17 -18.48
N GLU A 61 17.08 -2.34 -19.20
CA GLU A 61 17.61 -3.66 -19.46
C GLU A 61 18.05 -4.37 -18.18
N GLU A 62 18.82 -3.67 -17.35
CA GLU A 62 19.33 -4.25 -16.11
C GLU A 62 18.21 -4.45 -15.11
N ALA A 63 17.34 -3.46 -14.97
CA ALA A 63 16.20 -3.56 -14.04
C ALA A 63 15.29 -4.74 -14.37
N THR A 64 15.01 -4.92 -15.66
CA THR A 64 14.25 -6.07 -16.13
C THR A 64 14.99 -7.36 -15.81
N ARG A 65 16.29 -7.38 -16.07
CA ARG A 65 17.11 -8.54 -15.82
C ARG A 65 17.04 -8.95 -14.35
N ARG A 66 17.15 -7.95 -13.47
CA ARG A 66 17.11 -8.22 -12.03
C ARG A 66 15.72 -8.62 -11.53
N ALA A 67 14.68 -8.05 -12.16
CA ALA A 67 13.31 -8.38 -11.82
C ALA A 67 13.01 -9.82 -12.22
N LYS A 68 13.46 -10.20 -13.41
CA LYS A 68 13.29 -11.57 -13.89
C LYS A 68 14.05 -12.53 -12.99
N GLU A 69 15.22 -12.11 -12.54
CA GLU A 69 16.03 -12.90 -11.63
C GLU A 69 15.29 -13.09 -10.31
N ALA A 70 14.69 -12.01 -9.83
CA ALA A 70 13.90 -12.06 -8.60
C ALA A 70 12.72 -13.00 -8.78
N ALA A 71 12.10 -12.93 -9.96
CA ALA A 71 10.98 -13.82 -10.29
C ALA A 71 11.41 -15.30 -10.23
N GLN A 72 12.54 -15.62 -10.85
CA GLN A 72 13.09 -16.99 -10.85
C GLN A 72 13.42 -17.52 -9.45
N THR A 73 14.06 -16.67 -8.65
CA THR A 73 14.34 -16.99 -7.24
C THR A 73 13.06 -17.34 -6.47
N HIS A 74 12.02 -16.54 -6.66
CA HIS A 74 10.71 -16.78 -6.05
C HIS A 74 10.04 -18.06 -6.54
N ARG A 75 10.25 -18.44 -7.80
CA ARG A 75 9.82 -19.73 -8.31
C ARG A 75 10.54 -20.89 -7.58
N GLU A 76 11.86 -20.80 -7.46
CA GLU A 76 12.64 -21.73 -6.64
C GLU A 76 12.18 -21.75 -5.18
N ASN A 77 11.95 -20.57 -4.61
CA ASN A 77 11.48 -20.48 -3.20
C ASN A 77 10.11 -21.17 -3.01
N LEU A 78 9.23 -21.01 -3.99
CA LEU A 78 7.92 -21.64 -3.94
C LEU A 78 8.04 -23.17 -3.90
N ARG A 79 8.87 -23.71 -4.79
CA ARG A 79 9.23 -25.13 -4.83
C ARG A 79 9.86 -25.62 -3.53
N THR A 80 10.77 -24.83 -2.99
CA THR A 80 11.49 -25.17 -1.76
C THR A 80 10.52 -25.25 -0.58
N ALA A 81 9.62 -24.28 -0.54
CA ALA A 81 8.60 -24.20 0.49
C ALA A 81 7.65 -25.41 0.46
N LEU A 82 7.30 -25.89 -0.73
CA LEU A 82 6.58 -27.17 -0.86
C LEU A 82 7.27 -28.32 -0.12
N ARG A 83 8.61 -28.38 -0.21
CA ARG A 83 9.41 -29.40 0.51
C ARG A 83 9.37 -29.19 2.00
N TYR A 84 9.76 -28.00 2.43
CA TYR A 84 9.84 -27.67 3.86
C TYR A 84 8.51 -27.91 4.60
N TYR A 85 7.39 -27.58 3.95
CA TYR A 85 6.05 -27.64 4.54
C TYR A 85 5.25 -28.88 4.10
N ASN A 86 5.87 -29.75 3.31
CA ASN A 86 5.25 -31.00 2.89
C ASN A 86 3.95 -30.76 2.11
N GLN A 87 4.03 -29.89 1.11
CA GLN A 87 2.83 -29.48 0.35
C GLN A 87 2.86 -29.94 -1.09
N SER A 88 1.67 -29.97 -1.71
CA SER A 88 1.49 -30.47 -3.05
C SER A 88 1.77 -29.42 -4.11
N GLU A 89 2.41 -29.87 -5.20
CA GLU A 89 2.64 -29.05 -6.39
C GLU A 89 1.34 -28.57 -7.05
N ALA A 90 0.22 -29.13 -6.64
CA ALA A 90 -1.10 -28.83 -7.23
C ALA A 90 -1.88 -27.73 -6.54
N GLY A 91 -1.38 -27.21 -5.42
CA GLY A 91 -2.04 -26.10 -4.73
C GLY A 91 -1.42 -24.74 -4.99
N SER A 92 -2.17 -23.68 -4.74
CA SER A 92 -1.66 -22.33 -4.95
C SER A 92 -1.05 -21.76 -3.66
N HIS A 93 0.09 -21.10 -3.79
CA HIS A 93 0.76 -20.45 -2.65
C HIS A 93 1.32 -19.08 -2.99
N THR A 94 1.64 -18.33 -1.94
CA THR A 94 2.03 -16.95 -2.09
C THR A 94 3.31 -16.69 -1.33
N ILE A 95 4.26 -16.02 -1.99
CA ILE A 95 5.37 -15.37 -1.29
C ILE A 95 5.27 -13.86 -1.48
N GLN A 96 5.43 -13.14 -0.38
CA GLN A 96 5.55 -11.69 -0.35
C GLN A 96 6.92 -11.35 0.21
N LYS A 97 7.63 -10.46 -0.46
CA LYS A 97 8.92 -9.96 0.03
C LYS A 97 8.94 -8.43 0.01
N MET A 98 9.37 -7.82 1.11
CA MET A 98 9.66 -6.37 1.13
C MET A 98 11.11 -6.17 1.54
N TYR A 99 11.79 -5.25 0.86
CA TYR A 99 13.12 -4.84 1.26
C TYR A 99 13.31 -3.38 0.90
N GLY A 100 14.25 -2.72 1.56
CA GLY A 100 14.55 -1.34 1.22
C GLY A 100 15.43 -0.65 2.24
N CYS A 101 15.69 0.63 2.01
CA CYS A 101 16.65 1.41 2.79
C CYS A 101 16.06 2.76 3.15
N ASP A 102 16.26 3.20 4.41
CA ASP A 102 15.93 4.55 4.86
C ASP A 102 17.23 5.38 4.89
N LEU A 103 17.20 6.55 4.28
CA LEU A 103 18.34 7.45 4.26
C LEU A 103 18.32 8.31 5.52
N GLY A 104 19.38 8.20 6.32
CA GLY A 104 19.48 8.96 7.58
C GLY A 104 19.80 10.43 7.37
N PRO A 105 19.65 11.25 8.44
CA PRO A 105 20.02 12.68 8.41
C PRO A 105 21.51 12.91 8.13
N ASP A 106 22.36 11.93 8.41
CA ASP A 106 23.79 12.06 8.14
C ASP A 106 24.21 11.54 6.75
N GLY A 107 23.22 11.19 5.92
CA GLY A 107 23.48 10.63 4.59
C GLY A 107 23.89 9.18 4.66
N ARG A 108 23.71 8.57 5.83
CA ARG A 108 24.07 7.17 6.04
C ARG A 108 22.79 6.35 6.13
N LEU A 109 22.90 5.03 6.10
CA LEU A 109 21.72 4.18 6.21
C LEU A 109 21.18 4.25 7.63
N LEU A 110 19.93 4.70 7.77
CA LEU A 110 19.30 4.78 9.08
C LEU A 110 18.70 3.44 9.47
N ARG A 111 18.14 2.74 8.49
CA ARG A 111 17.38 1.56 8.74
C ARG A 111 17.24 0.78 7.44
N GLY A 112 17.48 -0.53 7.47
CA GLY A 112 17.34 -1.39 6.29
C GLY A 112 16.32 -2.51 6.53
N TYR A 113 15.74 -3.01 5.44
CA TYR A 113 14.74 -4.07 5.52
C TYR A 113 15.02 -5.20 4.54
N HIS A 114 14.62 -6.42 4.94
CA HIS A 114 14.60 -7.59 4.07
C HIS A 114 13.75 -8.65 4.79
N GLN A 115 12.48 -8.69 4.45
CA GLN A 115 11.55 -9.55 5.16
C GLN A 115 10.57 -10.17 4.17
N SER A 116 10.18 -11.40 4.47
CA SER A 116 9.25 -12.15 3.60
C SER A 116 8.16 -12.86 4.40
N ALA A 117 7.11 -13.26 3.68
CA ALA A 117 5.98 -14.02 4.22
C ALA A 117 5.65 -15.16 3.28
N TYR A 118 5.20 -16.29 3.83
CA TYR A 118 4.68 -17.41 3.04
C TYR A 118 3.23 -17.65 3.39
N ASP A 119 2.36 -17.60 2.38
CA ASP A 119 0.92 -17.72 2.55
C ASP A 119 0.34 -16.77 3.60
N GLY A 120 0.85 -15.55 3.62
CA GLY A 120 0.35 -14.50 4.51
C GLY A 120 0.92 -14.43 5.92
N LYS A 121 1.90 -15.28 6.23
CA LYS A 121 2.53 -15.31 7.55
C LYS A 121 4.04 -15.07 7.47
N ASP A 122 4.61 -14.42 8.49
CA ASP A 122 6.05 -14.24 8.57
C ASP A 122 6.77 -15.52 8.17
N TYR A 123 7.82 -15.37 7.37
CA TYR A 123 8.67 -16.50 7.05
C TYR A 123 10.04 -16.23 7.65
N ILE A 124 10.78 -15.30 7.04
CA ILE A 124 12.08 -14.88 7.57
C ILE A 124 12.27 -13.38 7.38
N ALA A 125 12.92 -12.75 8.35
CA ALA A 125 13.18 -11.32 8.35
C ALA A 125 14.59 -11.00 8.85
N LEU A 126 15.21 -10.03 8.21
CA LEU A 126 16.49 -9.49 8.64
C LEU A 126 16.27 -8.56 9.83
N ASN A 127 16.96 -8.83 10.94
CA ASN A 127 16.89 -7.96 12.13
C ASN A 127 17.52 -6.58 11.91
N GLY A 128 17.19 -5.61 12.77
CA GLY A 128 17.69 -4.23 12.65
C GLY A 128 19.19 -4.01 12.74
N ASP A 129 19.93 -5.00 13.28
CA ASP A 129 21.39 -4.97 13.23
C ASP A 129 21.93 -5.29 11.82
N LEU A 130 21.03 -5.76 10.96
CA LEU A 130 21.35 -6.14 9.59
C LEU A 130 22.43 -7.22 9.54
N ARG A 131 22.42 -8.07 10.55
CA ARG A 131 23.49 -9.05 10.75
C ARG A 131 22.93 -10.37 11.23
N SER A 132 21.64 -10.40 11.51
CA SER A 132 21.01 -11.62 12.04
C SER A 132 19.59 -11.74 11.50
N TRP A 133 19.03 -12.95 11.60
CA TRP A 133 17.72 -13.25 11.06
C TRP A 133 16.74 -13.73 12.12
N THR A 134 15.48 -13.40 11.94
CA THR A 134 14.38 -13.99 12.72
C THR A 134 13.60 -14.93 11.80
N ALA A 135 13.64 -16.23 12.11
CA ALA A 135 12.82 -17.22 11.41
C ALA A 135 11.53 -17.47 12.19
N ALA A 136 10.41 -17.48 11.49
CA ALA A 136 9.10 -17.55 12.15
C ALA A 136 8.76 -18.98 12.57
N ASP A 137 9.34 -19.95 11.88
CA ASP A 137 9.02 -21.32 12.17
C ASP A 137 10.20 -22.24 11.84
N MET A 138 10.00 -23.53 12.05
CA MET A 138 10.99 -24.56 11.81
C MET A 138 11.37 -24.70 10.33
N ALA A 139 10.43 -24.42 9.44
CA ALA A 139 10.77 -24.43 8.01
C ALA A 139 11.74 -23.29 7.65
N ALA A 140 11.43 -22.09 8.13
CA ALA A 140 12.27 -20.91 7.93
C ALA A 140 13.63 -21.00 8.63
N GLN A 141 13.75 -21.89 9.61
CA GLN A 141 15.04 -22.15 10.25
C GLN A 141 16.02 -22.82 9.29
N ASN A 142 15.51 -23.65 8.39
CA ASN A 142 16.33 -24.18 7.29
C ASN A 142 17.00 -23.04 6.51
N THR A 143 16.21 -22.02 6.18
CA THR A 143 16.68 -20.89 5.37
C THR A 143 17.68 -20.07 6.18
N GLN A 144 17.37 -19.79 7.44
CA GLN A 144 18.29 -19.14 8.35
C GLN A 144 19.69 -19.79 8.37
N ARG A 145 19.75 -21.10 8.60
CA ARG A 145 21.01 -21.84 8.57
C ARG A 145 21.74 -21.64 7.24
N LYS A 146 21.05 -21.80 6.13
CA LYS A 146 21.58 -21.55 4.83
CA LYS A 146 21.58 -21.55 4.83
C LYS A 146 22.22 -20.17 4.67
N TRP A 147 21.46 -19.17 5.00
CA TRP A 147 21.89 -17.79 4.90
C TRP A 147 23.04 -17.44 5.86
N GLU A 148 23.05 -18.07 7.04
CA GLU A 148 24.17 -17.94 7.98
C GLU A 148 25.42 -18.57 7.38
N GLY A 149 25.27 -19.72 6.75
CA GLY A 149 26.42 -20.38 6.12
C GLY A 149 26.98 -19.69 4.89
N ASN A 150 26.11 -18.95 4.17
CA ASN A 150 26.53 -18.32 2.92
C ASN A 150 26.75 -16.82 3.03
N ARG A 151 26.75 -16.32 4.26
CA ARG A 151 27.04 -14.91 4.52
C ARG A 151 26.07 -13.92 3.86
N TYR A 152 24.81 -14.30 3.70
CA TYR A 152 23.82 -13.46 2.96
C TYR A 152 23.49 -12.13 3.64
N ALA A 153 23.43 -12.09 4.96
CA ALA A 153 23.23 -10.79 5.66
C ALA A 153 24.29 -9.76 5.26
N GLU A 154 25.55 -10.20 5.26
CA GLU A 154 26.70 -9.38 4.85
C GLU A 154 26.57 -8.83 3.41
N ARG A 155 26.31 -9.72 2.45
CA ARG A 155 26.07 -9.31 1.06
C ARG A 155 24.89 -8.33 0.93
N PHE A 156 23.76 -8.64 1.56
CA PHE A 156 22.62 -7.75 1.42
C PHE A 156 22.80 -6.44 2.15
N ARG A 157 23.46 -6.48 3.30
CA ARG A 157 23.81 -5.25 4.02
C ARG A 157 24.70 -4.30 3.18
N ALA A 158 25.62 -4.84 2.39
CA ALA A 158 26.44 -4.04 1.48
C ALA A 158 25.62 -3.28 0.44
N TYR A 159 24.58 -3.95 -0.09
CA TYR A 159 23.65 -3.30 -1.01
C TYR A 159 22.88 -2.19 -0.29
N LEU A 160 22.35 -2.50 0.88
CA LEU A 160 21.52 -1.52 1.62
C LEU A 160 22.28 -0.27 2.02
N GLU A 161 23.54 -0.45 2.41
CA GLU A 161 24.40 0.65 2.85
C GLU A 161 25.05 1.38 1.66
N GLY A 162 25.17 0.68 0.53
CA GLY A 162 25.82 1.24 -0.64
C GLY A 162 24.85 1.52 -1.77
N GLU A 163 24.71 0.57 -2.67
CA GLU A 163 23.95 0.76 -3.92
C GLU A 163 22.48 1.22 -3.74
N CYS A 164 21.78 0.67 -2.74
CA CYS A 164 20.37 1.02 -2.46
C CYS A 164 20.22 2.52 -2.18
N LEU A 165 21.08 3.02 -1.29
CA LEU A 165 21.10 4.43 -0.94
C LEU A 165 21.56 5.31 -2.12
N GLU A 166 22.46 4.77 -2.94
CA GLU A 166 22.93 5.51 -4.13
CA GLU A 166 22.93 5.47 -4.13
C GLU A 166 21.76 5.70 -5.06
N TRP A 167 20.99 4.64 -5.32
CA TRP A 167 19.81 4.74 -6.19
C TRP A 167 18.79 5.72 -5.61
N LEU A 168 18.51 5.59 -4.32
CA LEU A 168 17.57 6.49 -3.66
C LEU A 168 17.98 7.96 -3.84
N ARG A 169 19.25 8.28 -3.63
CA ARG A 169 19.71 9.65 -3.83
C ARG A 169 19.56 10.09 -5.30
N ARG A 170 19.84 9.23 -6.22
CA ARG A 170 19.69 9.57 -7.61
C ARG A 170 18.24 9.86 -7.94
N TYR A 171 17.35 8.97 -7.55
CA TYR A 171 15.92 9.16 -7.77
C TYR A 171 15.38 10.46 -7.16
N LEU A 172 15.77 10.74 -5.91
CA LEU A 172 15.39 11.95 -5.20
C LEU A 172 15.85 13.23 -5.91
N GLU A 173 17.05 13.18 -6.46
CA GLU A 173 17.64 14.28 -7.20
C GLU A 173 16.92 14.44 -8.54
N ASN A 174 16.76 13.33 -9.25
CA ASN A 174 16.13 13.33 -10.56
C ASN A 174 14.66 13.79 -10.52
N GLY A 175 13.87 13.14 -9.67
CA GLY A 175 12.47 13.50 -9.47
C GLY A 175 12.24 14.47 -8.32
N LYS A 176 13.19 15.36 -8.09
CA LYS A 176 13.14 16.33 -6.97
C LYS A 176 11.84 17.14 -6.92
N GLU A 177 11.43 17.64 -8.09
CA GLU A 177 10.33 18.61 -8.20
C GLU A 177 9.02 18.06 -7.67
N THR A 178 8.94 16.74 -7.61
CA THR A 178 7.73 16.02 -7.18
C THR A 178 7.94 15.12 -5.95
N LEU A 179 9.15 14.59 -5.75
CA LEU A 179 9.42 13.69 -4.62
C LEU A 179 9.75 14.42 -3.31
N GLN A 180 10.46 15.53 -3.41
CA GLN A 180 10.82 16.32 -2.23
C GLN A 180 9.80 17.44 -2.00
N ARG A 181 8.58 17.02 -1.72
CA ARG A 181 7.43 17.89 -1.47
C ARG A 181 6.75 17.42 -0.18
N ALA A 182 6.13 18.34 0.55
CA ALA A 182 5.27 17.98 1.66
C ALA A 182 3.97 18.75 1.56
N ASP A 183 2.99 18.17 0.88
CA ASP A 183 1.67 18.79 0.71
C ASP A 183 0.79 18.66 1.95
N PRO A 184 0.43 19.79 2.56
CA PRO A 184 -0.41 19.70 3.76
C PRO A 184 -1.83 19.25 3.37
N PRO A 185 -2.55 18.65 4.32
CA PRO A 185 -3.92 18.25 4.01
C PRO A 185 -4.84 19.46 3.89
N LYS A 186 -5.81 19.37 3.00
CA LYS A 186 -6.97 20.24 3.04
C LYS A 186 -7.92 19.62 4.05
N THR A 187 -8.32 20.39 5.07
CA THR A 187 -9.08 19.81 6.17
C THR A 187 -10.44 20.46 6.37
N HIS A 188 -11.42 19.67 6.79
CA HIS A 188 -12.74 20.18 7.17
C HIS A 188 -13.61 19.22 8.00
N VAL A 189 -14.62 19.78 8.65
CA VAL A 189 -15.52 19.00 9.50
C VAL A 189 -16.93 19.00 8.89
N THR A 190 -17.49 17.81 8.70
CA THR A 190 -18.88 17.68 8.22
C THR A 190 -19.74 17.07 9.30
N HIS A 191 -21.06 17.14 9.12
CA HIS A 191 -22.03 16.76 10.14
C HIS A 191 -23.18 16.00 9.47
N HIS A 192 -23.48 14.82 10.02
CA HIS A 192 -24.45 13.90 9.39
C HIS A 192 -25.25 13.27 10.51
N PRO A 193 -26.51 13.71 10.68
CA PRO A 193 -27.42 13.17 11.70
C PRO A 193 -27.61 11.65 11.59
N VAL A 194 -27.57 10.98 12.74
CA VAL A 194 -27.78 9.53 12.83
C VAL A 194 -29.25 9.28 13.15
N SER A 195 -29.75 9.97 14.18
CA SER A 195 -31.18 10.05 14.46
C SER A 195 -31.54 11.51 14.75
N ASP A 196 -32.65 11.72 15.48
CA ASP A 196 -33.00 13.06 15.92
C ASP A 196 -32.30 13.42 17.23
N HIS A 197 -31.54 12.47 17.79
CA HIS A 197 -30.85 12.71 19.05
C HIS A 197 -29.33 12.54 18.95
N GLU A 198 -28.87 12.03 17.81
CA GLU A 198 -27.45 11.74 17.58
C GLU A 198 -27.00 12.14 16.20
N ALA A 199 -25.76 12.62 16.13
CA ALA A 199 -25.18 13.04 14.87
C ALA A 199 -23.71 12.62 14.77
N THR A 200 -23.26 12.41 13.55
CA THR A 200 -21.85 12.10 13.30
C THR A 200 -21.07 13.34 12.85
N LEU A 201 -19.98 13.63 13.56
CA LEU A 201 -19.03 14.64 13.10
C LEU A 201 -17.87 13.92 12.43
N ARG A 202 -17.54 14.36 11.22
CA ARG A 202 -16.50 13.71 10.45
C ARG A 202 -15.43 14.73 10.10
N CYS A 203 -14.21 14.42 10.49
CA CYS A 203 -13.09 15.29 10.24
C CYS A 203 -12.29 14.73 9.08
N TRP A 204 -12.19 15.51 8.01
CA TRP A 204 -11.61 15.08 6.75
C TRP A 204 -10.22 15.67 6.52
N ALA A 205 -9.31 14.87 6.00
CA ALA A 205 -8.02 15.38 5.55
C ALA A 205 -7.81 14.86 4.15
N LEU A 206 -7.71 15.76 3.18
CA LEU A 206 -7.57 15.34 1.77
C LEU A 206 -6.37 15.97 1.08
N GLY A 207 -5.86 15.26 0.08
CA GLY A 207 -4.82 15.79 -0.81
C GLY A 207 -3.46 15.99 -0.16
N PHE A 208 -3.15 15.16 0.82
CA PHE A 208 -1.88 15.30 1.54
C PHE A 208 -0.80 14.31 1.05
N TYR A 209 0.46 14.66 1.30
CA TYR A 209 1.59 13.81 0.96
C TYR A 209 2.81 14.21 1.77
N PRO A 210 3.56 13.23 2.34
CA PRO A 210 3.40 11.76 2.35
C PRO A 210 2.17 11.26 3.13
N ALA A 211 2.00 9.93 3.20
CA ALA A 211 0.80 9.32 3.79
C ALA A 211 0.69 9.42 5.32
N GLU A 212 1.83 9.53 5.99
CA GLU A 212 1.85 9.67 7.44
C GLU A 212 1.01 10.87 7.89
N ILE A 213 0.08 10.62 8.80
CA ILE A 213 -0.78 11.67 9.37
C ILE A 213 -1.30 11.26 10.74
N THR A 214 -1.69 12.23 11.55
CA THR A 214 -2.41 11.91 12.78
C THR A 214 -3.70 12.73 12.80
N LEU A 215 -4.80 12.04 13.11
CA LEU A 215 -6.14 12.65 13.15
C LEU A 215 -6.82 12.14 14.40
N THR A 216 -7.18 13.03 15.31
CA THR A 216 -7.85 12.58 16.53
C THR A 216 -9.05 13.47 16.88
N TRP A 217 -9.97 12.94 17.68
CA TRP A 217 -11.04 13.77 18.22
C TRP A 217 -10.86 13.98 19.71
N GLN A 218 -11.11 15.22 20.13
CA GLN A 218 -11.18 15.54 21.53
C GLN A 218 -12.59 15.96 21.90
N ARG A 219 -12.98 15.66 23.14
CA ARG A 219 -14.18 16.21 23.74
C ARG A 219 -13.80 16.96 25.01
N ASP A 220 -14.17 18.25 25.06
CA ASP A 220 -13.73 19.14 26.14
C ASP A 220 -12.22 19.03 26.38
N GLY A 221 -11.44 18.96 25.30
CA GLY A 221 -9.99 18.79 25.40
C GLY A 221 -9.48 17.42 25.84
N GLU A 222 -10.37 16.43 25.94
CA GLU A 222 -9.96 15.08 26.29
C GLU A 222 -10.03 14.17 25.07
N GLU A 223 -8.96 13.42 24.83
CA GLU A 223 -8.90 12.49 23.72
C GLU A 223 -10.06 11.49 23.80
N GLN A 224 -10.85 11.44 22.74
CA GLN A 224 -12.00 10.55 22.66
C GLN A 224 -11.71 9.34 21.80
N THR A 225 -12.00 8.16 22.33
CA THR A 225 -11.84 6.92 21.57
C THR A 225 -13.17 6.16 21.49
N GLN A 226 -14.05 6.43 22.45
CA GLN A 226 -15.38 5.82 22.47
C GLN A 226 -16.27 6.50 21.43
N ASP A 227 -17.07 5.69 20.75
CA ASP A 227 -17.92 6.12 19.61
C ASP A 227 -17.13 6.82 18.50
N THR A 228 -15.88 6.38 18.32
CA THR A 228 -14.98 6.92 17.31
C THR A 228 -14.71 5.91 16.16
N GLU A 229 -14.51 6.44 14.96
CA GLU A 229 -14.17 5.61 13.83
C GLU A 229 -13.18 6.31 12.92
N PHE A 230 -12.01 5.72 12.76
CA PHE A 230 -10.96 6.24 11.89
C PHE A 230 -10.77 5.27 10.75
N VAL A 231 -10.87 5.77 9.53
CA VAL A 231 -10.65 4.90 8.38
C VAL A 231 -9.15 4.79 8.04
N GLU A 232 -8.78 3.66 7.47
CA GLU A 232 -7.43 3.49 6.94
C GLU A 232 -7.09 4.62 5.94
N THR A 233 -5.88 5.17 6.04
CA THR A 233 -5.41 6.16 5.08
C THR A 233 -5.47 5.55 3.66
N ARG A 234 -6.02 6.32 2.72
CA ARG A 234 -6.41 5.80 1.39
C ARG A 234 -5.88 6.72 0.29
N PRO A 235 -5.48 6.14 -0.86
CA PRO A 235 -4.91 6.99 -1.91
C PRO A 235 -5.96 7.80 -2.66
N GLY A 236 -5.60 9.02 -3.07
CA GLY A 236 -6.49 9.88 -3.84
C GLY A 236 -6.62 9.46 -5.29
N GLY A 237 -5.60 8.76 -5.81
CA GLY A 237 -5.56 8.37 -7.20
C GLY A 237 -4.51 9.15 -7.98
N ASP A 238 -4.17 10.32 -7.44
CA ASP A 238 -3.27 11.31 -8.07
C ASP A 238 -1.95 11.47 -7.29
N GLY A 239 -1.62 10.50 -6.46
CA GLY A 239 -0.40 10.57 -5.67
C GLY A 239 -0.59 11.30 -4.36
N THR A 240 -1.83 11.61 -4.00
CA THR A 240 -2.15 12.14 -2.67
C THR A 240 -2.86 11.09 -1.81
N PHE A 241 -3.06 11.44 -0.55
CA PHE A 241 -3.71 10.52 0.36
C PHE A 241 -4.83 11.24 1.10
N GLN A 242 -5.70 10.45 1.72
CA GLN A 242 -6.88 10.96 2.40
C GLN A 242 -7.06 10.13 3.65
N LYS A 243 -7.72 10.70 4.64
CA LYS A 243 -8.17 9.96 5.81
C LYS A 243 -9.30 10.75 6.42
N TRP A 244 -10.21 10.05 7.10
CA TRP A 244 -11.15 10.72 7.99
C TRP A 244 -11.32 10.00 9.31
N GLY A 245 -11.74 10.76 10.31
CA GLY A 245 -12.09 10.24 11.61
C GLY A 245 -13.42 10.83 12.00
N ALA A 246 -14.33 9.97 12.44
CA ALA A 246 -15.66 10.40 12.87
C ALA A 246 -15.91 10.13 14.35
N VAL A 247 -16.78 10.95 14.97
CA VAL A 247 -17.34 10.68 16.30
C VAL A 247 -18.87 10.80 16.26
N VAL A 248 -19.54 9.90 16.97
CA VAL A 248 -20.99 9.98 17.15
C VAL A 248 -21.28 10.70 18.44
N VAL A 249 -22.09 11.74 18.32
CA VAL A 249 -22.20 12.78 19.31
C VAL A 249 -23.68 13.00 19.68
N PRO A 250 -23.98 13.32 20.95
CA PRO A 250 -25.36 13.70 21.24
C PRO A 250 -25.68 15.07 20.62
N SER A 251 -26.84 15.17 19.97
CA SER A 251 -27.36 16.41 19.39
C SER A 251 -27.36 17.52 20.44
N GLY A 252 -26.74 18.65 20.11
CA GLY A 252 -26.61 19.75 21.06
C GLY A 252 -25.23 19.86 21.69
N GLU A 253 -24.42 18.81 21.55
CA GLU A 253 -23.12 18.74 22.21
C GLU A 253 -21.98 18.95 21.23
N GLU A 254 -22.31 19.17 19.95
CA GLU A 254 -21.34 19.25 18.85
C GLU A 254 -20.13 20.15 19.12
N GLN A 255 -20.36 21.29 19.80
CA GLN A 255 -19.34 22.32 19.96
C GLN A 255 -18.38 22.05 21.12
N ARG A 256 -18.56 20.90 21.77
CA ARG A 256 -17.60 20.43 22.75
C ARG A 256 -16.51 19.54 22.12
N TYR A 257 -16.58 19.37 20.79
CA TYR A 257 -15.68 18.46 20.09
C TYR A 257 -14.76 19.17 19.13
N THR A 258 -13.47 18.82 19.21
CA THR A 258 -12.46 19.36 18.29
C THR A 258 -11.70 18.22 17.65
N CYS A 259 -11.38 18.40 16.38
CA CYS A 259 -10.53 17.46 15.66
C CYS A 259 -9.13 18.06 15.54
N HIS A 260 -8.13 17.19 15.61
CA HIS A 260 -6.74 17.61 15.68
C HIS A 260 -5.90 16.90 14.64
N VAL A 261 -5.28 17.67 13.75
CA VAL A 261 -4.55 17.13 12.60
C VAL A 261 -3.05 17.46 12.60
N GLN A 262 -2.23 16.42 12.58
CA GLN A 262 -0.77 16.57 12.51
C GLN A 262 -0.24 16.00 11.21
N HIS A 263 0.56 16.78 10.50
CA HIS A 263 1.16 16.33 9.24
C HIS A 263 2.43 17.14 8.96
N GLU A 264 3.43 16.50 8.37
CA GLU A 264 4.74 17.14 8.11
C GLU A 264 4.65 18.40 7.24
N GLY A 265 3.64 18.47 6.37
CA GLY A 265 3.42 19.66 5.52
C GLY A 265 2.76 20.82 6.24
N LEU A 266 2.39 20.62 7.50
CA LEU A 266 1.79 21.66 8.33
C LEU A 266 2.82 22.27 9.29
N PRO A 267 2.92 23.60 9.29
CA PRO A 267 3.86 24.29 10.18
C PRO A 267 3.44 24.21 11.64
N GLU A 268 2.22 23.70 11.88
CA GLU A 268 1.69 23.57 13.23
C GLU A 268 0.37 22.81 13.23
N PRO A 269 0.29 21.77 14.05
CA PRO A 269 -0.94 20.97 14.15
C PRO A 269 -2.19 21.81 14.02
N LEU A 270 -3.24 21.25 13.44
CA LEU A 270 -4.51 21.96 13.26
C LEU A 270 -5.53 21.60 14.31
N THR A 271 -6.36 22.59 14.69
CA THR A 271 -7.49 22.37 15.59
C THR A 271 -8.77 22.81 14.88
N LEU A 272 -9.68 21.87 14.64
CA LEU A 272 -10.92 22.17 13.93
C LEU A 272 -12.15 21.93 14.77
N ARG A 273 -13.19 22.70 14.46
CA ARG A 273 -14.49 22.56 15.09
C ARG A 273 -15.53 22.63 13.97
N TRP A 274 -16.67 21.98 14.16
CA TRP A 274 -17.74 22.10 13.18
C TRP A 274 -18.16 23.58 13.00
N GLU A 275 -17.96 24.10 11.78
CA GLU A 275 -18.36 25.46 11.40
C GLU A 275 -19.49 25.37 10.40
N PRO A 276 -20.75 25.35 10.87
CA PRO A 276 -21.83 25.21 9.88
C PRO A 276 -21.94 26.48 9.04
N MET B 1 -2.11 -21.43 5.98
CA MET B 1 -2.93 -20.83 4.88
C MET B 1 -4.04 -19.90 5.39
N ILE B 2 -3.71 -18.70 5.84
CA ILE B 2 -4.69 -17.83 6.50
C ILE B 2 -5.56 -17.03 5.54
N GLN B 3 -6.83 -16.81 5.90
CA GLN B 3 -7.69 -15.98 5.09
C GLN B 3 -8.28 -14.78 5.82
N ARG B 4 -8.31 -13.67 5.09
CA ARG B 4 -8.59 -12.37 5.64
C ARG B 4 -9.51 -11.62 4.69
N THR B 5 -10.60 -11.12 5.26
CA THR B 5 -11.66 -10.46 4.52
C THR B 5 -11.22 -9.04 4.14
N PRO B 6 -11.45 -8.66 2.86
CA PRO B 6 -11.16 -7.29 2.45
C PRO B 6 -11.93 -6.21 3.21
N LYS B 7 -11.25 -5.11 3.51
CA LYS B 7 -11.92 -3.86 3.86
C LYS B 7 -12.18 -3.15 2.54
N ILE B 8 -13.31 -2.45 2.45
CA ILE B 8 -13.69 -1.73 1.23
C ILE B 8 -13.99 -0.27 1.55
N GLN B 9 -13.34 0.63 0.84
CA GLN B 9 -13.74 2.03 0.86
C GLN B 9 -14.01 2.48 -0.56
N VAL B 10 -15.15 3.11 -0.76
CA VAL B 10 -15.50 3.71 -2.05
C VAL B 10 -15.72 5.21 -1.81
N TYR B 11 -15.08 6.05 -2.63
CA TYR B 11 -14.94 7.47 -2.31
C TYR B 11 -14.45 8.23 -3.53
N SER B 12 -14.65 9.54 -3.51
CA SER B 12 -14.24 10.40 -4.61
C SER B 12 -12.85 10.98 -4.32
N ARG B 13 -12.09 11.22 -5.38
CA ARG B 13 -10.82 11.93 -5.24
C ARG B 13 -11.02 13.30 -4.59
N HIS B 14 -12.02 14.04 -5.08
CA HIS B 14 -12.28 15.40 -4.62
C HIS B 14 -13.66 15.49 -3.96
N PRO B 15 -13.84 16.48 -3.06
CA PRO B 15 -15.18 16.72 -2.52
C PRO B 15 -16.17 16.80 -3.69
N PRO B 16 -17.28 16.03 -3.64
CA PRO B 16 -18.19 16.02 -4.78
C PRO B 16 -19.06 17.29 -4.90
N GLU B 17 -19.29 17.69 -6.14
CA GLU B 17 -20.27 18.70 -6.50
C GLU B 17 -21.03 18.18 -7.73
N ASN B 18 -22.36 18.24 -7.69
CA ASN B 18 -23.19 17.79 -8.80
C ASN B 18 -22.80 18.43 -10.13
N GLY B 19 -22.40 17.60 -11.09
CA GLY B 19 -22.08 18.08 -12.43
C GLY B 19 -20.62 18.36 -12.67
N LYS B 20 -19.81 18.33 -11.60
CA LYS B 20 -18.38 18.60 -11.71
C LYS B 20 -17.59 17.29 -11.80
N PRO B 21 -16.86 17.09 -12.93
CA PRO B 21 -16.06 15.87 -13.15
C PRO B 21 -15.14 15.59 -11.95
N ASN B 22 -14.94 14.30 -11.68
CA ASN B 22 -14.28 13.85 -10.47
C ASN B 22 -13.73 12.44 -10.77
N PHE B 23 -13.21 11.79 -9.74
CA PHE B 23 -12.62 10.46 -9.89
C PHE B 23 -13.19 9.60 -8.79
N LEU B 24 -13.68 8.42 -9.20
CA LEU B 24 -14.33 7.46 -8.29
C LEU B 24 -13.34 6.36 -7.93
N ASN B 25 -13.11 6.17 -6.64
CA ASN B 25 -12.15 5.19 -6.18
C ASN B 25 -12.78 4.07 -5.39
N CYS B 26 -12.30 2.85 -5.61
CA CYS B 26 -12.56 1.75 -4.68
C CYS B 26 -11.25 1.19 -4.13
N TYR B 27 -11.07 1.40 -2.85
CA TYR B 27 -9.86 0.95 -2.18
C TYR B 27 -10.14 -0.29 -1.33
N VAL B 28 -9.56 -1.41 -1.75
CA VAL B 28 -9.74 -2.70 -1.08
C VAL B 28 -8.42 -3.08 -0.42
N SER B 29 -8.47 -3.47 0.84
CA SER B 29 -7.25 -3.72 1.59
C SER B 29 -7.43 -4.82 2.61
N GLY B 30 -6.30 -5.35 3.09
CA GLY B 30 -6.31 -6.27 4.23
C GLY B 30 -6.77 -7.69 3.92
N PHE B 31 -6.74 -8.05 2.64
CA PHE B 31 -7.22 -9.35 2.21
C PHE B 31 -6.11 -10.39 1.94
N HIS B 32 -6.43 -11.66 2.17
CA HIS B 32 -5.60 -12.79 1.77
C HIS B 32 -6.51 -13.99 1.49
N PRO B 33 -6.23 -14.73 0.39
CA PRO B 33 -5.16 -14.53 -0.58
C PRO B 33 -5.39 -13.30 -1.48
N SER B 34 -4.42 -13.02 -2.37
CA SER B 34 -4.45 -11.83 -3.22
C SER B 34 -5.48 -11.87 -4.35
N ASP B 35 -5.94 -13.06 -4.69
CA ASP B 35 -6.91 -13.22 -5.77
C ASP B 35 -8.22 -12.54 -5.39
N ILE B 36 -8.63 -11.56 -6.19
CA ILE B 36 -9.79 -10.73 -5.85
C ILE B 36 -10.41 -10.16 -7.13
N GLU B 37 -11.72 -9.93 -7.10
CA GLU B 37 -12.37 -9.18 -8.17
C GLU B 37 -13.07 -7.94 -7.65
N VAL B 38 -12.86 -6.83 -8.33
CA VAL B 38 -13.43 -5.54 -7.94
C VAL B 38 -14.03 -4.89 -9.18
N ASP B 39 -15.27 -4.43 -9.06
CA ASP B 39 -15.94 -3.66 -10.10
C ASP B 39 -16.51 -2.35 -9.59
N LEU B 40 -16.51 -1.34 -10.45
CA LEU B 40 -17.22 -0.10 -10.18
C LEU B 40 -18.51 -0.08 -10.99
N LEU B 41 -19.61 0.18 -10.31
CA LEU B 41 -20.94 0.12 -10.92
C LEU B 41 -21.61 1.48 -10.83
N LYS B 42 -22.38 1.81 -11.87
CA LYS B 42 -23.25 2.97 -11.87
C LYS B 42 -24.66 2.44 -12.10
N ASN B 43 -25.59 2.77 -11.21
CA ASN B 43 -26.95 2.25 -11.30
C ASN B 43 -27.00 0.72 -11.46
N GLY B 44 -26.11 0.01 -10.76
CA GLY B 44 -26.11 -1.44 -10.80
C GLY B 44 -25.44 -2.09 -11.99
N GLU B 45 -24.88 -1.27 -12.88
CA GLU B 45 -24.20 -1.79 -14.06
C GLU B 45 -22.73 -1.40 -14.07
N LYS B 46 -21.87 -2.35 -14.42
CA LYS B 46 -20.43 -2.10 -14.47
C LYS B 46 -20.10 -0.87 -15.31
N MET B 47 -19.16 -0.08 -14.85
CA MET B 47 -18.75 1.13 -15.56
C MET B 47 -18.10 0.79 -16.89
N GLY B 48 -17.86 1.81 -17.71
CA GLY B 48 -17.25 1.62 -19.01
C GLY B 48 -15.78 1.26 -18.91
N LYS B 49 -15.00 2.15 -18.30
CA LYS B 49 -13.57 1.94 -18.14
C LYS B 49 -13.16 1.99 -16.67
N VAL B 50 -12.55 0.91 -16.19
CA VAL B 50 -12.12 0.83 -14.79
C VAL B 50 -10.75 0.16 -14.68
N GLU B 51 -9.74 0.94 -14.29
CA GLU B 51 -8.39 0.42 -14.14
C GLU B 51 -8.02 0.27 -12.66
N HIS B 52 -6.84 -0.29 -12.41
CA HIS B 52 -6.36 -0.49 -11.03
C HIS B 52 -4.85 -0.32 -10.89
N SER B 53 -4.43 -0.10 -9.64
CA SER B 53 -3.03 -0.02 -9.27
C SER B 53 -2.40 -1.42 -9.31
N ASP B 54 -1.08 -1.46 -9.30
CA ASP B 54 -0.38 -2.75 -9.23
C ASP B 54 -0.50 -3.33 -7.81
N LEU B 55 -0.72 -4.63 -7.73
CA LEU B 55 -0.82 -5.28 -6.44
C LEU B 55 0.38 -4.93 -5.55
N SER B 56 0.10 -4.44 -4.35
CA SER B 56 1.12 -4.22 -3.33
C SER B 56 0.57 -4.63 -1.94
N PHE B 57 1.33 -4.36 -0.88
CA PHE B 57 0.93 -4.71 0.46
C PHE B 57 1.61 -3.82 1.50
N SER B 58 1.03 -3.76 2.69
CA SER B 58 1.62 -3.02 3.79
C SER B 58 2.53 -3.94 4.64
N LYS B 59 3.17 -3.35 5.66
CA LYS B 59 4.24 -4.03 6.42
C LYS B 59 3.76 -5.28 7.18
N ASP B 60 2.47 -5.35 7.46
CA ASP B 60 1.86 -6.54 8.04
C ASP B 60 1.40 -7.57 6.99
N TRP B 61 1.82 -7.39 5.74
CA TRP B 61 1.56 -8.34 4.66
C TRP B 61 0.18 -8.19 4.03
N SER B 62 -0.58 -7.20 4.50
CA SER B 62 -1.96 -7.05 4.05
C SER B 62 -2.00 -6.38 2.67
N PHE B 63 -2.53 -7.09 1.69
CA PHE B 63 -2.59 -6.63 0.30
C PHE B 63 -3.48 -5.40 0.15
N TYR B 64 -3.20 -4.58 -0.86
CA TYR B 64 -4.11 -3.48 -1.21
C TYR B 64 -4.11 -3.19 -2.70
N LEU B 65 -5.28 -2.75 -3.17
CA LEU B 65 -5.45 -2.37 -4.57
C LEU B 65 -6.35 -1.15 -4.61
N LEU B 66 -6.08 -0.22 -5.55
CA LEU B 66 -7.03 0.87 -5.85
C LEU B 66 -7.64 0.57 -7.21
N TYR B 67 -8.97 0.51 -7.28
CA TYR B 67 -9.68 0.51 -8.58
C TYR B 67 -10.28 1.88 -8.77
N TYR B 68 -10.24 2.41 -9.99
CA TYR B 68 -10.63 3.80 -10.19
C TYR B 68 -11.20 4.03 -11.57
N THR B 69 -12.04 5.07 -11.68
CA THR B 69 -12.56 5.54 -12.97
C THR B 69 -12.97 7.01 -12.84
N GLU B 70 -13.09 7.70 -13.97
CA GLU B 70 -13.64 9.04 -13.97
C GLU B 70 -15.15 8.98 -13.77
N PHE B 71 -15.68 9.92 -12.99
CA PHE B 71 -17.12 10.10 -12.85
C PHE B 71 -17.53 11.53 -12.57
N THR B 72 -18.77 11.84 -12.92
CA THR B 72 -19.34 13.16 -12.70
C THR B 72 -20.61 12.92 -11.89
N PRO B 73 -20.52 13.09 -10.57
CA PRO B 73 -21.64 12.76 -9.71
C PRO B 73 -22.82 13.72 -9.92
N ASN B 74 -24.00 13.26 -9.53
CA ASN B 74 -25.24 14.02 -9.66
C ASN B 74 -26.26 13.34 -8.76
N GLU B 75 -27.32 14.06 -8.40
CA GLU B 75 -28.30 13.53 -7.45
C GLU B 75 -29.10 12.28 -7.92
N LYS B 76 -29.23 12.07 -9.23
CA LYS B 76 -30.04 10.95 -9.72
C LYS B 76 -29.36 9.57 -9.69
N ASP B 77 -28.05 9.55 -9.91
CA ASP B 77 -27.31 8.31 -10.12
C ASP B 77 -26.70 7.75 -8.85
N GLU B 78 -26.60 6.42 -8.85
CA GLU B 78 -26.04 5.70 -7.74
C GLU B 78 -24.74 5.04 -8.22
N TYR B 79 -23.68 5.18 -7.42
CA TYR B 79 -22.40 4.58 -7.74
C TYR B 79 -22.05 3.58 -6.66
N ALA B 80 -21.33 2.52 -7.05
CA ALA B 80 -21.05 1.43 -6.12
C ALA B 80 -19.79 0.67 -6.48
N CYS B 81 -19.20 0.03 -5.48
CA CYS B 81 -18.09 -0.89 -5.70
C CYS B 81 -18.52 -2.28 -5.31
N ARG B 82 -18.24 -3.26 -6.17
CA ARG B 82 -18.61 -4.64 -5.91
C ARG B 82 -17.36 -5.49 -5.81
N VAL B 83 -17.24 -6.23 -4.71
CA VAL B 83 -16.07 -7.07 -4.46
C VAL B 83 -16.44 -8.55 -4.36
N ASN B 84 -15.67 -9.38 -5.06
CA ASN B 84 -15.70 -10.82 -4.91
C ASN B 84 -14.36 -11.33 -4.35
N HIS B 85 -14.44 -12.15 -3.32
CA HIS B 85 -13.26 -12.72 -2.66
C HIS B 85 -13.66 -14.03 -2.00
N VAL B 86 -12.71 -14.97 -1.89
CA VAL B 86 -13.00 -16.27 -1.29
C VAL B 86 -13.66 -16.17 0.12
N THR B 87 -13.29 -15.14 0.87
CA THR B 87 -13.81 -14.92 2.22
C THR B 87 -15.23 -14.33 2.26
N LEU B 88 -15.75 -13.96 1.10
CA LEU B 88 -17.07 -13.35 1.02
C LEU B 88 -18.08 -14.33 0.45
N SER B 89 -19.24 -14.39 1.08
CA SER B 89 -20.32 -15.27 0.65
C SER B 89 -21.09 -14.55 -0.44
N GLY B 90 -20.69 -14.80 -1.69
CA GLY B 90 -21.12 -14.00 -2.85
C GLY B 90 -20.65 -12.53 -2.78
N PRO B 91 -20.95 -11.72 -3.82
CA PRO B 91 -20.35 -10.38 -3.85
C PRO B 91 -20.79 -9.48 -2.72
N ARG B 92 -19.90 -8.60 -2.30
CA ARG B 92 -20.24 -7.53 -1.37
C ARG B 92 -20.24 -6.26 -2.17
N THR B 93 -21.35 -5.53 -2.10
CA THR B 93 -21.49 -4.26 -2.80
C THR B 93 -21.55 -3.15 -1.78
N VAL B 94 -20.68 -2.16 -1.95
CA VAL B 94 -20.71 -0.97 -1.10
C VAL B 94 -21.06 0.25 -1.95
N LYS B 95 -22.11 0.96 -1.57
CA LYS B 95 -22.58 2.15 -2.30
C LYS B 95 -21.68 3.34 -2.01
N TRP B 96 -21.48 4.19 -3.02
CA TRP B 96 -20.79 5.44 -2.77
C TRP B 96 -21.72 6.36 -2.00
N ASP B 97 -21.21 6.87 -0.88
CA ASP B 97 -21.92 7.78 0.00
C ASP B 97 -21.04 9.01 0.05
N ARG B 98 -21.57 10.14 -0.43
CA ARG B 98 -20.77 11.36 -0.47
C ARG B 98 -20.37 11.88 0.93
N ASP B 99 -20.95 11.30 1.98
CA ASP B 99 -20.61 11.62 3.37
C ASP B 99 -19.38 10.82 3.85
N MET B 100 -18.81 10.00 2.98
CA MET B 100 -17.74 9.07 3.34
C MET B 100 -16.69 8.91 2.26
N MET C 1 16.73 0.77 -7.85
CA MET C 1 16.66 -0.45 -8.66
C MET C 1 16.95 -1.68 -7.81
N HIS C 2 16.41 -2.82 -8.24
CA HIS C 2 16.60 -4.07 -7.52
C HIS C 2 18.09 -4.33 -7.26
N PRO C 3 18.37 -5.26 -6.34
CA PRO C 3 19.75 -5.59 -5.99
C PRO C 3 20.23 -6.83 -6.74
N ALA C 4 21.40 -6.77 -7.33
CA ALA C 4 21.88 -7.93 -8.03
C ALA C 4 21.89 -9.14 -7.13
N GLN C 5 22.08 -8.94 -5.83
CA GLN C 5 22.05 -10.02 -4.84
C GLN C 5 20.72 -10.63 -4.76
N THR C 6 20.68 -11.94 -4.59
CA THR C 6 19.58 -12.65 -3.93
C THR C 6 19.85 -14.11 -3.63
N SER C 7 19.62 -14.53 -2.41
CA SER C 7 19.82 -15.90 -2.02
C SER C 7 18.53 -16.64 -1.86
N GLN C 8 18.63 -17.97 -1.86
CA GLN C 8 17.48 -18.85 -1.97
C GLN C 8 16.96 -19.27 -0.61
N TRP C 9 15.78 -19.89 -0.58
CA TRP C 9 15.17 -20.34 0.66
C TRP C 9 15.70 -21.71 1.07
O1 XPE D . 25.55 2.11 -7.97
C2 XPE D . 24.41 2.14 -8.83
C3 XPE D . 23.53 3.33 -8.41
O4 XPE D . 24.10 4.56 -8.87
C5 XPE D . 23.14 5.65 -8.72
C6 XPE D . 23.85 6.99 -8.73
O7 XPE D . 25.03 6.97 -9.58
C8 XPE D . 25.64 8.28 -9.77
C9 XPE D . 27.17 8.24 -9.56
O10 XPE D . 27.79 7.20 -10.38
C11 XPE D . 29.23 7.11 -10.16
C12 XPE D . 29.83 5.90 -10.89
O13 XPE D . 29.14 4.67 -10.57
C14 XPE D . 29.23 3.71 -11.64
C15 XPE D . 27.92 2.96 -12.02
O16 XPE D . 26.68 3.65 -11.67
C17 XPE D . 26.04 4.15 -12.78
C18 XPE D . 24.57 4.63 -12.79
O19 XPE D . 24.00 5.12 -13.94
C20 XPE D . 22.81 4.39 -14.42
C21 XPE D . 22.98 3.12 -15.25
O22 XPE D . 22.03 2.11 -14.83
C23 XPE D . 22.29 0.84 -15.50
C24 XPE D . 22.62 -0.36 -14.59
O25 XPE D . 23.77 -0.11 -13.74
C26 XPE D . 23.82 -1.09 -12.69
C27 XPE D . 24.84 -0.66 -11.64
O28 XPE D . 26.01 -1.48 -11.76
C29 XPE D . 27.20 -0.66 -11.86
C30 XPE D . 28.51 -1.48 -11.78
O31 XPE D . 28.62 -2.36 -12.91
NA NA E . 26.53 4.77 -9.61
C1 PEG F . -8.98 -15.55 -10.30
O1 PEG F . -8.11 -16.65 -10.00
C2 PEG F . -8.84 -14.44 -9.25
O2 PEG F . -10.13 -13.89 -8.97
C3 PEG F . -10.54 -14.12 -7.61
C4 PEG F . -12.04 -14.32 -7.53
O4 PEG F . -12.35 -14.96 -6.28
C1 PEG G . -15.43 5.69 3.45
O1 PEG G . -15.57 5.48 2.03
C2 PEG G . -14.74 4.52 4.14
O2 PEG G . -15.28 4.25 5.44
C3 PEG G . -15.70 2.90 5.62
C4 PEG G . -15.95 2.63 7.10
O4 PEG G . -17.26 3.05 7.53
#